data_9FK4
#
_entry.id   9FK4
#
_cell.length_a   89.406
_cell.length_b   61.648
_cell.length_c   110.293
_cell.angle_alpha   90.000
_cell.angle_beta   105.467
_cell.angle_gamma   90.000
#
_symmetry.space_group_name_H-M   'I 1 2 1'
#
loop_
_entity.id
_entity.type
_entity.pdbx_description
1 polymer Endo-1,4-beta-xylanase
2 branched beta-D-xylopyranose-(1-4)-beta-D-xylopyranose-(1-4)-beta-D-xylopyranose-(1-4)-beta-D-xylopyranose-(1-4)-beta-D-xylopyranose-(1-4)-1-fluoro-D-xylopyranose
3 non-polymer 'ZINC ION'
4 non-polymer 'CHLORIDE ION'
5 water water
#
_entity_poly.entity_id   1
_entity_poly.type   'polypeptide(L)'
_entity_poly.pdbx_seq_one_letter_code
;KNADSYAKKPHISALNAPQLDQRYKNEFTIGAAVEPYQLQNEKDVQMLKRHFNSIVAENVMKPISIQPEEGKFNFEQADR
IVKFAKANGMDIRFHTLVWHSQVPQWFFLDKEGKPMVNETDPVKREQNKQLLLKRLETHIKTIVERYKDDIKYWDVVNEV
VGDDGKLRNSPWYQIAGIDYIKVAFQAARKYGGDNIKLYMNDYNTEVEPKRTALYNLVKQLKEEGVPIDGIGHQSHIQIG
WPSEAEIEKTINMFAALGLDNQITGLDVSMYGWPPRAYPTYDAIPKQKFLDQAARYDRLFKLYEKLSDKISNVTFWGIAD
NHTWLDSRADVYYDANGNVVVDPNAPYAKVEKGKGKDAPFVFGPDYKVKPAYWAIIDHK
;
_entity_poly.pdbx_strand_id   A
#
loop_
_chem_comp.id
_chem_comp.type
_chem_comp.name
_chem_comp.formula
A1ID6 D-saccharide 1-fluoro-D-xylopyranose 'C5 H9 F O4'
CL non-polymer 'CHLORIDE ION' 'Cl -1'
XYP D-saccharide, beta linking beta-D-xylopyranose 'C5 H10 O5'
ZN non-polymer 'ZINC ION' 'Zn 2'
#
# COMPACT_ATOMS: atom_id res chain seq x y z
N SER A 5 9.02 -11.87 -21.82
CA SER A 5 9.98 -11.39 -20.85
C SER A 5 11.14 -10.74 -21.58
N TYR A 6 11.01 -10.70 -22.91
CA TYR A 6 12.16 -10.53 -23.78
C TYR A 6 12.68 -9.09 -23.77
N ALA A 7 14.00 -8.97 -23.88
CA ALA A 7 14.64 -7.69 -24.15
C ALA A 7 14.66 -7.34 -25.64
N LYS A 8 14.32 -8.30 -26.51
CA LYS A 8 14.09 -8.00 -27.91
C LYS A 8 12.86 -7.12 -28.12
N LYS A 9 11.93 -7.14 -27.18
CA LYS A 9 10.70 -6.38 -27.36
C LYS A 9 10.98 -4.89 -27.18
N PRO A 10 10.31 -4.03 -27.95
CA PRO A 10 10.74 -2.64 -28.05
C PRO A 10 10.30 -1.79 -26.86
N HIS A 11 11.05 -0.69 -26.67
CA HIS A 11 10.82 0.31 -25.63
C HIS A 11 9.81 1.34 -26.14
N ILE A 12 8.59 0.88 -26.39
CA ILE A 12 7.57 1.73 -27.00
C ILE A 12 6.84 2.52 -25.92
N SER A 13 6.21 3.62 -26.34
CA SER A 13 5.40 4.40 -25.42
C SER A 13 4.30 3.52 -24.85
N ALA A 14 4.10 3.59 -23.53
CA ALA A 14 3.05 2.81 -22.89
C ALA A 14 1.67 3.18 -23.40
N LEU A 15 1.51 4.39 -23.95
CA LEU A 15 0.21 4.77 -24.50
C LEU A 15 -0.09 4.04 -25.81
N ASN A 16 0.89 3.34 -26.37
CA ASN A 16 0.71 2.54 -27.57
C ASN A 16 0.75 1.06 -27.27
N ALA A 17 0.77 0.70 -26.02
CA ALA A 17 1.03 -0.68 -25.68
C ALA A 17 -0.28 -1.37 -25.29
N PRO A 18 -0.33 -2.70 -25.44
CA PRO A 18 -1.52 -3.45 -24.99
C PRO A 18 -1.86 -3.17 -23.53
N GLN A 19 -3.16 -3.08 -23.26
CA GLN A 19 -3.65 -2.59 -21.97
C GLN A 19 -3.43 -3.63 -20.88
N LEU A 20 -2.78 -3.20 -19.80
CA LEU A 20 -2.42 -4.13 -18.72
C LEU A 20 -3.68 -4.68 -18.02
N ASP A 21 -4.64 -3.82 -17.70
CA ASP A 21 -5.84 -4.30 -17.02
C ASP A 21 -6.61 -5.31 -17.87
N GLN A 22 -6.65 -5.12 -19.21
CA GLN A 22 -7.37 -6.04 -20.07
C GLN A 22 -6.70 -7.41 -20.14
N ARG A 23 -5.37 -7.43 -20.11
CA ARG A 23 -4.64 -8.70 -20.03
C ARG A 23 -5.05 -9.52 -18.82
N TYR A 24 -5.37 -8.86 -17.69
CA TYR A 24 -5.63 -9.58 -16.45
C TYR A 24 -7.09 -9.54 -16.02
N LYS A 25 -8.00 -9.07 -16.86
CA LYS A 25 -9.34 -8.67 -16.38
C LYS A 25 -10.15 -9.84 -15.80
N ASN A 26 -9.89 -11.08 -16.21
CA ASN A 26 -10.59 -12.21 -15.60
C ASN A 26 -9.86 -12.76 -14.40
N GLU A 27 -8.62 -12.35 -14.17
CA GLU A 27 -7.83 -12.84 -13.04
C GLU A 27 -7.93 -11.91 -11.82
N PHE A 28 -7.76 -10.61 -12.02
CA PHE A 28 -7.86 -9.61 -10.95
C PHE A 28 -7.77 -8.23 -11.59
N THR A 29 -8.30 -7.23 -10.88
CA THR A 29 -8.13 -5.86 -11.34
C THR A 29 -6.66 -5.44 -11.20
N ILE A 30 -6.30 -4.38 -11.91
CA ILE A 30 -4.95 -3.84 -11.93
C ILE A 30 -5.06 -2.38 -11.49
N GLY A 31 -4.42 -2.04 -10.37
CA GLY A 31 -4.61 -0.72 -9.82
C GLY A 31 -3.35 0.12 -9.73
N ALA A 32 -3.50 1.43 -9.51
CA ALA A 32 -2.39 2.35 -9.31
C ALA A 32 -2.71 3.28 -8.16
N ALA A 33 -1.70 3.61 -7.36
CA ALA A 33 -1.80 4.63 -6.32
C ALA A 33 -1.45 5.98 -6.92
N VAL A 34 -2.25 7.01 -6.60
CA VAL A 34 -2.15 8.29 -7.28
C VAL A 34 -2.24 9.45 -6.30
N GLU A 35 -1.73 10.59 -6.73
CA GLU A 35 -1.86 11.91 -6.13
C GLU A 35 -2.77 12.77 -6.99
N PRO A 36 -3.55 13.69 -6.40
CA PRO A 36 -4.46 14.50 -7.22
C PRO A 36 -3.77 15.23 -8.36
N TYR A 37 -2.52 15.70 -8.16
CA TYR A 37 -1.86 16.44 -9.24
C TYR A 37 -1.66 15.58 -10.48
N GLN A 38 -1.52 14.26 -10.30
CA GLN A 38 -1.38 13.41 -11.47
C GLN A 38 -2.65 13.40 -12.33
N LEU A 39 -3.80 13.72 -11.76
CA LEU A 39 -5.03 13.80 -12.56
C LEU A 39 -5.08 15.08 -13.40
N GLN A 40 -4.10 15.96 -13.23
CA GLN A 40 -3.95 17.15 -14.04
C GLN A 40 -2.81 17.02 -15.03
N ASN A 41 -2.16 15.85 -15.06
CA ASN A 41 -1.04 15.58 -15.94
CA ASN A 41 -1.04 15.56 -15.93
C ASN A 41 -1.55 14.74 -17.11
N GLU A 42 -1.38 15.25 -18.33
CA GLU A 42 -1.93 14.56 -19.49
C GLU A 42 -1.44 13.12 -19.59
N LYS A 43 -0.13 12.89 -19.39
CA LYS A 43 0.40 11.55 -19.54
C LYS A 43 -0.10 10.61 -18.44
N ASP A 44 -0.13 11.09 -17.19
CA ASP A 44 -0.64 10.24 -16.11
C ASP A 44 -2.10 9.90 -16.33
N VAL A 45 -2.91 10.89 -16.74
CA VAL A 45 -4.32 10.62 -17.01
C VAL A 45 -4.45 9.56 -18.10
N GLN A 46 -3.67 9.71 -19.18
CA GLN A 46 -3.78 8.72 -20.25
CA GLN A 46 -3.69 8.73 -20.27
C GLN A 46 -3.29 7.34 -19.78
N MET A 47 -2.28 7.29 -18.89
CA MET A 47 -1.86 5.99 -18.35
C MET A 47 -2.97 5.33 -17.55
N LEU A 48 -3.61 6.11 -16.66
CA LEU A 48 -4.68 5.55 -15.83
C LEU A 48 -5.83 5.06 -16.71
N LYS A 49 -6.20 5.84 -17.72
CA LYS A 49 -7.30 5.43 -18.61
C LYS A 49 -6.93 4.20 -19.41
N ARG A 50 -5.67 4.08 -19.83
CA ARG A 50 -5.29 2.99 -20.73
C ARG A 50 -5.07 1.68 -19.99
N HIS A 51 -4.43 1.71 -18.81
CA HIS A 51 -3.86 0.48 -18.25
C HIS A 51 -4.48 0.00 -16.95
N PHE A 52 -5.28 0.82 -16.26
CA PHE A 52 -5.70 0.53 -14.91
C PHE A 52 -7.21 0.57 -14.80
N ASN A 53 -7.75 -0.30 -13.96
CA ASN A 53 -9.19 -0.30 -13.70
C ASN A 53 -9.48 -0.27 -12.20
N SER A 54 -8.47 0.11 -11.40
CA SER A 54 -8.62 0.29 -9.96
C SER A 54 -7.68 1.42 -9.56
N ILE A 55 -8.07 2.16 -8.53
CA ILE A 55 -7.29 3.31 -8.08
C ILE A 55 -7.29 3.37 -6.56
N VAL A 56 -6.24 3.97 -6.01
CA VAL A 56 -6.13 4.21 -4.57
C VAL A 56 -5.38 5.54 -4.42
N ALA A 57 -5.68 6.25 -3.34
CA ALA A 57 -4.97 7.48 -3.02
C ALA A 57 -3.66 7.16 -2.31
N GLU A 58 -2.55 7.63 -2.87
CA GLU A 58 -1.26 7.45 -2.20
C GLU A 58 -1.24 8.12 -0.84
N ASN A 59 -1.89 9.29 -0.72
CA ASN A 59 -1.77 10.05 0.52
C ASN A 59 -3.04 10.77 0.96
N VAL A 60 -3.91 11.22 0.06
CA VAL A 60 -4.91 12.22 0.49
C VAL A 60 -6.11 11.60 1.20
N MET A 61 -6.15 10.28 1.40
CA MET A 61 -7.21 9.69 2.21
C MET A 61 -6.69 9.17 3.55
N LYS A 62 -5.43 9.45 3.88
CA LYS A 62 -4.87 9.08 5.18
C LYS A 62 -5.52 9.92 6.28
N PRO A 63 -5.48 9.45 7.53
CA PRO A 63 -6.19 10.19 8.60
C PRO A 63 -5.81 11.65 8.72
N ILE A 64 -4.51 11.99 8.66
CA ILE A 64 -4.11 13.38 8.81
C ILE A 64 -4.54 14.21 7.61
N SER A 65 -4.70 13.59 6.43
CA SER A 65 -5.17 14.35 5.27
C SER A 65 -6.67 14.62 5.35
N ILE A 66 -7.43 13.72 5.96
CA ILE A 66 -8.88 13.83 5.99
C ILE A 66 -9.36 14.68 7.17
N GLN A 67 -8.83 14.45 8.37
CA GLN A 67 -9.27 15.19 9.56
C GLN A 67 -8.07 15.73 10.34
N PRO A 68 -7.38 16.75 9.82
CA PRO A 68 -6.14 17.20 10.47
C PRO A 68 -6.36 17.89 11.80
N GLU A 69 -7.53 18.49 12.01
CA GLU A 69 -7.98 18.95 13.33
C GLU A 69 -9.37 18.37 13.56
N GLU A 70 -9.71 18.11 14.82
CA GLU A 70 -11.02 17.52 15.10
C GLU A 70 -12.14 18.40 14.57
N GLY A 71 -13.03 17.81 13.78
CA GLY A 71 -14.13 18.54 13.19
C GLY A 71 -13.82 19.22 11.87
N LYS A 72 -12.56 19.24 11.44
CA LYS A 72 -12.18 19.84 10.16
C LYS A 72 -11.92 18.70 9.19
N PHE A 73 -12.84 18.49 8.25
CA PHE A 73 -12.75 17.41 7.28
C PHE A 73 -12.40 18.00 5.92
N ASN A 74 -11.33 17.52 5.33
CA ASN A 74 -10.89 17.96 4.00
CA ASN A 74 -10.91 17.97 4.00
C ASN A 74 -11.11 16.80 3.04
N PHE A 75 -12.29 16.74 2.43
CA PHE A 75 -12.58 15.73 1.42
C PHE A 75 -12.25 16.20 0.01
N GLU A 76 -11.82 17.45 -0.16
CA GLU A 76 -11.67 18.01 -1.51
C GLU A 76 -10.73 17.17 -2.37
N GLN A 77 -9.57 16.82 -1.83
CA GLN A 77 -8.59 16.06 -2.62
C GLN A 77 -9.08 14.64 -2.87
N ALA A 78 -9.58 13.97 -1.83
CA ALA A 78 -10.12 12.62 -2.00
C ALA A 78 -11.26 12.59 -3.01
N ASP A 79 -12.12 13.62 -2.97
CA ASP A 79 -13.24 13.69 -3.91
C ASP A 79 -12.76 13.67 -5.35
N ARG A 80 -11.64 14.34 -5.63
CA ARG A 80 -11.15 14.40 -7.01
C ARG A 80 -10.74 13.03 -7.51
N ILE A 81 -10.16 12.21 -6.63
CA ILE A 81 -9.81 10.84 -7.02
C ILE A 81 -11.07 10.00 -7.22
N VAL A 82 -12.06 10.16 -6.34
CA VAL A 82 -13.32 9.42 -6.49
C VAL A 82 -14.00 9.81 -7.80
N LYS A 83 -14.08 11.11 -8.08
CA LYS A 83 -14.73 11.60 -9.29
C LYS A 83 -14.06 11.03 -10.54
N PHE A 84 -12.73 11.05 -10.58
CA PHE A 84 -12.00 10.50 -11.72
C PHE A 84 -12.28 9.01 -11.88
N ALA A 85 -12.27 8.27 -10.77
CA ALA A 85 -12.50 6.84 -10.83
C ALA A 85 -13.88 6.53 -11.37
N LYS A 86 -14.90 7.26 -10.90
CA LYS A 86 -16.26 6.99 -11.36
C LYS A 86 -16.40 7.30 -12.85
N ALA A 87 -15.83 8.40 -13.31
CA ALA A 87 -15.93 8.76 -14.72
C ALA A 87 -15.24 7.75 -15.61
N ASN A 88 -14.31 6.98 -15.06
CA ASN A 88 -13.55 6.03 -15.87
C ASN A 88 -13.82 4.58 -15.50
N GLY A 89 -14.87 4.33 -14.72
CA GLY A 89 -15.25 2.98 -14.37
C GLY A 89 -14.20 2.22 -13.58
N MET A 90 -13.47 2.91 -12.71
CA MET A 90 -12.46 2.26 -11.90
C MET A 90 -13.00 1.88 -10.53
N ASP A 91 -12.64 0.69 -10.04
CA ASP A 91 -12.76 0.39 -8.62
C ASP A 91 -11.96 1.38 -7.80
N ILE A 92 -12.38 1.62 -6.56
CA ILE A 92 -11.67 2.48 -5.63
C ILE A 92 -11.35 1.70 -4.35
N ARG A 93 -10.13 1.88 -3.84
CA ARG A 93 -9.76 1.42 -2.52
C ARG A 93 -9.52 2.64 -1.64
N PHE A 94 -9.97 2.57 -0.39
CA PHE A 94 -9.72 3.66 0.56
C PHE A 94 -8.51 3.32 1.43
N HIS A 95 -7.46 4.11 1.30
CA HIS A 95 -6.23 3.99 2.09
C HIS A 95 -6.08 5.28 2.89
N THR A 96 -6.32 5.25 4.21
CA THR A 96 -6.69 4.11 5.05
C THR A 96 -7.39 4.73 6.27
N LEU A 97 -8.28 4.00 6.93
CA LEU A 97 -9.04 4.61 8.03
C LEU A 97 -8.23 4.78 9.31
N VAL A 98 -7.26 3.90 9.57
CA VAL A 98 -6.51 3.88 10.83
C VAL A 98 -5.07 3.52 10.55
N TRP A 99 -4.14 4.29 11.10
CA TRP A 99 -2.71 4.05 10.88
C TRP A 99 -1.93 4.80 11.95
N HIS A 100 -0.77 4.26 12.32
CA HIS A 100 0.05 4.94 13.31
C HIS A 100 0.92 6.02 12.71
N SER A 101 0.97 6.12 11.37
CA SER A 101 1.68 7.18 10.66
C SER A 101 0.69 8.10 9.96
N GLN A 102 1.13 9.32 9.67
CA GLN A 102 0.29 10.32 9.01
C GLN A 102 -1.09 10.35 9.67
N VAL A 103 -1.06 10.54 10.98
CA VAL A 103 -2.24 10.49 11.84
C VAL A 103 -2.19 11.71 12.74
N PRO A 104 -3.27 12.48 12.85
CA PRO A 104 -3.19 13.74 13.60
C PRO A 104 -3.05 13.48 15.09
N GLN A 105 -2.16 14.25 15.73
CA GLN A 105 -1.86 14.04 17.13
C GLN A 105 -3.05 14.33 18.05
N TRP A 106 -4.03 15.14 17.60
CA TRP A 106 -5.16 15.47 18.47
C TRP A 106 -5.97 14.25 18.89
N PHE A 107 -5.90 13.15 18.12
CA PHE A 107 -6.60 11.93 18.52
C PHE A 107 -6.20 11.50 19.93
N PHE A 108 -4.94 11.68 20.28
CA PHE A 108 -4.37 11.02 21.45
C PHE A 108 -4.11 11.99 22.60
N LEU A 109 -4.78 13.14 22.61
CA LEU A 109 -4.70 14.10 23.71
C LEU A 109 -5.93 13.99 24.61
N ASP A 110 -5.72 14.08 25.91
CA ASP A 110 -6.84 13.96 26.85
C ASP A 110 -7.59 15.29 26.93
N LYS A 111 -8.62 15.32 27.77
CA LYS A 111 -9.47 16.51 27.86
C LYS A 111 -8.68 17.75 28.28
N GLU A 112 -7.55 17.56 28.95
CA GLU A 112 -6.70 18.66 29.39
C GLU A 112 -5.56 18.96 28.43
N GLY A 113 -5.55 18.34 27.25
CA GLY A 113 -4.51 18.58 26.27
C GLY A 113 -3.23 17.79 26.49
N LYS A 114 -3.23 16.88 27.40
CA LYS A 114 -2.00 16.14 27.63
C LYS A 114 -2.04 14.78 26.95
N PRO A 115 -0.88 14.23 26.59
CA PRO A 115 -0.86 12.91 25.93
C PRO A 115 -1.54 11.85 26.77
N MET A 116 -2.49 11.14 26.16
CA MET A 116 -3.15 10.03 26.84
C MET A 116 -2.17 8.95 27.29
N VAL A 117 -1.09 8.73 26.53
CA VAL A 117 -0.16 7.64 26.87
C VAL A 117 0.50 7.85 28.22
N ASN A 118 0.59 9.09 28.70
CA ASN A 118 1.24 9.39 29.96
C ASN A 118 0.35 9.14 31.18
N GLU A 119 -0.95 8.99 31.00
CA GLU A 119 -1.86 8.91 32.13
C GLU A 119 -1.58 7.65 32.96
N THR A 120 -1.42 7.84 34.27
CA THR A 120 -1.14 6.73 35.18
C THR A 120 -2.38 6.22 35.91
N ASP A 121 -3.43 7.03 36.02
CA ASP A 121 -4.62 6.64 36.76
C ASP A 121 -5.44 5.65 35.95
N PRO A 122 -5.73 4.45 36.46
CA PRO A 122 -6.49 3.48 35.66
C PRO A 122 -7.90 3.92 35.30
N VAL A 123 -8.58 4.67 36.17
CA VAL A 123 -9.91 5.16 35.81
C VAL A 123 -9.81 6.23 34.72
N LYS A 124 -8.81 7.12 34.82
CA LYS A 124 -8.58 8.10 33.77
C LYS A 124 -8.14 7.43 32.48
N ARG A 125 -7.36 6.34 32.58
CA ARG A 125 -6.95 5.62 31.39
C ARG A 125 -8.15 5.02 30.68
N GLU A 126 -9.12 4.51 31.44
CA GLU A 126 -10.30 3.93 30.83
C GLU A 126 -11.17 5.02 30.20
N GLN A 127 -11.23 6.20 30.83
CA GLN A 127 -11.94 7.31 30.22
C GLN A 127 -11.28 7.72 28.92
N ASN A 128 -9.95 7.70 28.87
CA ASN A 128 -9.24 8.06 27.65
C ASN A 128 -9.46 7.03 26.56
N LYS A 129 -9.53 5.75 26.94
CA LYS A 129 -9.85 4.71 25.96
C LYS A 129 -11.20 4.98 25.31
N GLN A 130 -12.21 5.30 26.11
CA GLN A 130 -13.54 5.51 25.55
C GLN A 130 -13.58 6.76 24.69
N LEU A 131 -12.86 7.80 25.10
CA LEU A 131 -12.79 9.02 24.29
C LEU A 131 -12.10 8.75 22.96
N LEU A 132 -10.94 8.09 22.99
CA LEU A 132 -10.26 7.75 21.76
C LEU A 132 -11.14 6.90 20.83
N LEU A 133 -11.81 5.89 21.39
CA LEU A 133 -12.64 5.01 20.57
C LEU A 133 -13.84 5.74 19.99
N LYS A 134 -14.38 6.73 20.73
CA LYS A 134 -15.46 7.54 20.17
C LYS A 134 -14.94 8.43 19.04
N ARG A 135 -13.77 9.05 19.23
CA ARG A 135 -13.19 9.84 18.14
C ARG A 135 -12.93 8.97 16.91
N LEU A 136 -12.43 7.77 17.13
CA LEU A 136 -12.21 6.82 16.04
C LEU A 136 -13.51 6.53 15.29
N GLU A 137 -14.57 6.23 16.04
CA GLU A 137 -15.84 5.92 15.40
C GLU A 137 -16.35 7.11 14.59
N THR A 138 -16.20 8.34 15.11
CA THR A 138 -16.68 9.51 14.39
C THR A 138 -15.88 9.76 13.11
N HIS A 139 -14.56 9.54 13.17
CA HIS A 139 -13.72 9.68 11.98
C HIS A 139 -14.19 8.73 10.88
N ILE A 140 -14.34 7.45 11.24
CA ILE A 140 -14.77 6.44 10.29
C ILE A 140 -16.19 6.71 9.82
N LYS A 141 -17.08 7.04 10.76
CA LYS A 141 -18.48 7.30 10.42
C LYS A 141 -18.59 8.39 9.36
N THR A 142 -17.89 9.51 9.57
CA THR A 142 -18.01 10.63 8.65
C THR A 142 -17.48 10.25 7.27
N ILE A 143 -16.38 9.51 7.24
CA ILE A 143 -15.78 9.12 5.95
C ILE A 143 -16.67 8.13 5.23
N VAL A 144 -17.12 7.10 5.95
CA VAL A 144 -17.88 6.04 5.29
C VAL A 144 -19.26 6.53 4.88
N GLU A 145 -19.89 7.39 5.70
CA GLU A 145 -21.17 7.95 5.27
C GLU A 145 -21.05 8.74 3.98
N ARG A 146 -19.90 9.37 3.72
CA ARG A 146 -19.73 10.09 2.47
C ARG A 146 -19.48 9.16 1.28
N TYR A 147 -18.68 8.10 1.46
CA TYR A 147 -18.15 7.34 0.32
C TYR A 147 -18.72 5.93 0.16
N LYS A 148 -19.66 5.51 1.01
CA LYS A 148 -20.07 4.09 1.03
C LYS A 148 -20.66 3.63 -0.30
N ASP A 149 -21.26 4.53 -1.08
CA ASP A 149 -21.84 4.14 -2.36
C ASP A 149 -20.83 4.16 -3.49
N ASP A 150 -19.60 4.64 -3.27
CA ASP A 150 -18.64 4.82 -4.33
C ASP A 150 -17.39 3.96 -4.19
N ILE A 151 -16.99 3.63 -2.96
CA ILE A 151 -15.73 2.97 -2.70
C ILE A 151 -16.03 1.56 -2.20
N LYS A 152 -15.58 0.56 -2.96
CA LYS A 152 -15.91 -0.81 -2.63
C LYS A 152 -14.96 -1.42 -1.61
N TYR A 153 -13.68 -1.04 -1.64
CA TYR A 153 -12.63 -1.72 -0.87
C TYR A 153 -12.02 -0.75 0.12
N TRP A 154 -11.83 -1.21 1.37
CA TRP A 154 -11.45 -0.34 2.46
C TRP A 154 -10.28 -0.94 3.21
N ASP A 155 -9.15 -0.21 3.27
CA ASP A 155 -8.09 -0.53 4.24
C ASP A 155 -8.55 0.03 5.57
N VAL A 156 -9.19 -0.79 6.39
CA VAL A 156 -9.74 -0.31 7.65
C VAL A 156 -8.62 -0.02 8.64
N VAL A 157 -7.66 -0.94 8.76
CA VAL A 157 -6.49 -0.68 9.57
C VAL A 157 -5.26 -1.03 8.76
N ASN A 158 -4.19 -0.29 8.99
CA ASN A 158 -2.92 -0.47 8.29
C ASN A 158 -1.81 -0.69 9.32
N GLU A 159 -1.05 -1.76 9.13
CA GLU A 159 0.19 -2.00 9.86
C GLU A 159 -0.01 -2.13 11.37
N VAL A 160 -1.01 -2.92 11.78
CA VAL A 160 -1.30 -3.02 13.22
C VAL A 160 -0.51 -4.12 13.91
N VAL A 161 0.25 -4.93 13.18
CA VAL A 161 1.08 -5.98 13.77
C VAL A 161 2.54 -5.59 13.59
N GLY A 162 3.30 -5.70 14.69
CA GLY A 162 4.71 -5.38 14.63
C GLY A 162 5.53 -6.44 13.91
N ASP A 163 6.71 -6.02 13.46
CA ASP A 163 7.64 -6.95 12.82
C ASP A 163 8.17 -7.99 13.81
N ASP A 164 8.06 -7.75 15.12
CA ASP A 164 8.41 -8.71 16.14
C ASP A 164 7.31 -9.71 16.44
N GLY A 165 6.22 -9.71 15.66
CA GLY A 165 5.12 -10.63 15.88
C GLY A 165 4.21 -10.26 17.02
N LYS A 166 4.45 -9.14 17.69
CA LYS A 166 3.53 -8.59 18.67
C LYS A 166 2.68 -7.51 18.00
N LEU A 167 1.51 -7.23 18.59
CA LEU A 167 0.74 -6.10 18.14
C LEU A 167 1.61 -4.84 18.18
N ARG A 168 1.52 -4.01 17.14
CA ARG A 168 2.32 -2.80 17.13
C ARG A 168 1.89 -1.93 18.30
N ASN A 169 2.87 -1.47 19.09
CA ASN A 169 2.61 -0.69 20.29
C ASN A 169 2.48 0.80 19.97
N SER A 170 1.58 1.10 19.03
CA SER A 170 1.26 2.47 18.69
C SER A 170 0.40 3.09 19.79
N PRO A 171 0.29 4.43 19.81
CA PRO A 171 -0.68 5.07 20.71
C PRO A 171 -2.07 4.44 20.64
N TRP A 172 -2.53 4.04 19.44
CA TRP A 172 -3.81 3.33 19.34
C TRP A 172 -3.85 2.16 20.31
N TYR A 173 -2.80 1.34 20.32
CA TYR A 173 -2.78 0.15 21.13
C TYR A 173 -2.49 0.46 22.59
N GLN A 174 -1.56 1.39 22.86
CA GLN A 174 -1.26 1.77 24.23
C GLN A 174 -2.48 2.29 24.95
N ILE A 175 -3.28 3.09 24.26
CA ILE A 175 -4.42 3.75 24.91
C ILE A 175 -5.64 2.84 24.94
N ALA A 176 -5.93 2.14 23.85
CA ALA A 176 -7.18 1.42 23.73
C ALA A 176 -7.03 -0.10 23.66
N GLY A 177 -5.81 -0.62 23.58
CA GLY A 177 -5.67 -2.05 23.45
C GLY A 177 -6.19 -2.54 22.11
N ILE A 178 -6.47 -3.85 22.03
CA ILE A 178 -6.93 -4.48 20.80
C ILE A 178 -8.29 -3.93 20.35
N ASP A 179 -9.04 -3.31 21.25
CA ASP A 179 -10.39 -2.87 20.89
C ASP A 179 -10.39 -1.82 19.77
N TYR A 180 -9.30 -1.07 19.59
CA TYR A 180 -9.32 -0.07 18.53
C TYR A 180 -9.46 -0.73 17.17
N ILE A 181 -8.89 -1.92 17.00
CA ILE A 181 -9.04 -2.66 15.75
C ILE A 181 -10.47 -3.14 15.58
N LYS A 182 -11.05 -3.73 16.63
CA LYS A 182 -12.43 -4.21 16.55
C LYS A 182 -13.39 -3.07 16.26
N VAL A 183 -13.24 -1.96 16.97
CA VAL A 183 -14.13 -0.82 16.78
C VAL A 183 -14.04 -0.30 15.36
N ALA A 184 -12.83 -0.26 14.80
CA ALA A 184 -12.66 0.27 13.44
C ALA A 184 -13.44 -0.55 12.42
N PHE A 185 -13.33 -1.88 12.49
CA PHE A 185 -14.06 -2.72 11.55
C PHE A 185 -15.56 -2.67 11.81
N GLN A 186 -15.97 -2.70 13.08
CA GLN A 186 -17.41 -2.66 13.36
CA GLN A 186 -17.41 -2.64 13.38
C GLN A 186 -18.02 -1.33 12.91
N ALA A 187 -17.30 -0.21 13.11
CA ALA A 187 -17.83 1.07 12.65
C ALA A 187 -17.91 1.11 11.13
N ALA A 188 -16.90 0.60 10.43
CA ALA A 188 -16.96 0.62 8.97
C ALA A 188 -18.16 -0.17 8.47
N ARG A 189 -18.38 -1.36 9.04
CA ARG A 189 -19.53 -2.16 8.63
C ARG A 189 -20.84 -1.48 8.99
N LYS A 190 -20.90 -0.87 10.18
CA LYS A 190 -22.16 -0.28 10.64
C LYS A 190 -22.61 0.85 9.71
N TYR A 191 -21.70 1.76 9.38
CA TYR A 191 -22.07 2.92 8.56
C TYR A 191 -21.94 2.66 7.06
N GLY A 192 -21.24 1.60 6.67
CA GLY A 192 -21.06 1.36 5.24
C GLY A 192 -21.94 0.27 4.68
N GLY A 193 -22.48 -0.58 5.56
CA GLY A 193 -23.33 -1.65 5.10
C GLY A 193 -22.54 -2.87 4.67
N ASP A 194 -23.29 -3.85 4.16
CA ASP A 194 -22.75 -5.18 3.89
C ASP A 194 -22.01 -5.27 2.56
N ASN A 195 -22.15 -4.28 1.67
CA ASN A 195 -21.57 -4.41 0.35
C ASN A 195 -20.13 -3.91 0.26
N ILE A 196 -19.66 -3.06 1.18
CA ILE A 196 -18.25 -2.66 1.15
C ILE A 196 -17.41 -3.77 1.77
N LYS A 197 -16.17 -3.88 1.32
CA LYS A 197 -15.28 -4.96 1.72
C LYS A 197 -14.14 -4.40 2.56
N LEU A 198 -13.89 -5.03 3.70
CA LEU A 198 -13.04 -4.48 4.76
C LEU A 198 -11.77 -5.28 4.91
N TYR A 199 -10.62 -4.60 4.84
CA TYR A 199 -9.31 -5.25 4.79
C TYR A 199 -8.42 -4.78 5.93
N MET A 200 -7.59 -5.70 6.40
CA MET A 200 -6.44 -5.40 7.23
C MET A 200 -5.21 -5.43 6.32
N ASN A 201 -4.48 -4.31 6.26
CA ASN A 201 -3.38 -4.09 5.32
C ASN A 201 -2.07 -4.10 6.09
N ASP A 202 -1.00 -4.62 5.48
CA ASP A 202 0.30 -4.63 6.15
C ASP A 202 1.41 -4.93 5.15
N TYR A 203 2.65 -4.63 5.55
CA TYR A 203 3.84 -4.99 4.79
C TYR A 203 4.50 -6.19 5.45
N ASN A 204 5.35 -6.88 4.67
CA ASN A 204 6.06 -8.07 5.15
C ASN A 204 5.09 -9.11 5.71
N THR A 205 3.90 -9.21 5.09
CA THR A 205 2.95 -10.24 5.48
C THR A 205 3.48 -11.63 5.20
N GLU A 206 4.54 -11.74 4.41
CA GLU A 206 5.16 -13.01 4.07
C GLU A 206 6.18 -13.48 5.09
N VAL A 207 6.53 -12.64 6.07
CA VAL A 207 7.72 -12.84 6.90
C VAL A 207 7.31 -13.25 8.30
N GLU A 208 7.92 -14.34 8.80
CA GLU A 208 7.67 -14.73 10.18
C GLU A 208 8.55 -13.91 11.13
N PRO A 209 8.10 -13.65 12.36
CA PRO A 209 6.84 -14.09 13.00
C PRO A 209 5.62 -13.21 12.70
N LYS A 210 5.79 -12.19 11.85
CA LYS A 210 4.66 -11.28 11.57
C LYS A 210 3.52 -12.01 10.88
N ARG A 211 3.84 -12.91 9.94
CA ARG A 211 2.82 -13.59 9.16
C ARG A 211 1.88 -14.40 10.06
N THR A 212 2.44 -15.23 10.93
CA THR A 212 1.59 -16.04 11.80
C THR A 212 0.87 -15.16 12.83
N ALA A 213 1.50 -14.07 13.28
CA ALA A 213 0.84 -13.15 14.18
C ALA A 213 -0.38 -12.50 13.52
N LEU A 214 -0.21 -12.02 12.29
CA LEU A 214 -1.36 -11.54 11.52
C LEU A 214 -2.42 -12.61 11.37
N TYR A 215 -2.00 -13.83 10.98
CA TYR A 215 -2.93 -14.93 10.85
C TYR A 215 -3.71 -15.19 12.14
N ASN A 216 -3.00 -15.29 13.26
CA ASN A 216 -3.70 -15.58 14.52
C ASN A 216 -4.63 -14.44 14.89
N LEU A 217 -4.22 -13.20 14.61
CA LEU A 217 -5.05 -12.05 14.94
C LEU A 217 -6.35 -12.06 14.14
N VAL A 218 -6.27 -12.20 12.81
CA VAL A 218 -7.50 -12.13 12.02
C VAL A 218 -8.39 -13.32 12.34
N LYS A 219 -7.78 -14.49 12.58
CA LYS A 219 -8.57 -15.67 12.92
C LYS A 219 -9.38 -15.43 14.19
N GLN A 220 -8.73 -14.88 15.22
CA GLN A 220 -9.41 -14.63 16.48
C GLN A 220 -10.50 -13.57 16.31
N LEU A 221 -10.19 -12.48 15.61
CA LEU A 221 -11.17 -11.42 15.43
C LEU A 221 -12.40 -11.93 14.70
N LYS A 222 -12.21 -12.73 13.66
CA LYS A 222 -13.36 -13.27 12.92
C LYS A 222 -14.16 -14.23 13.80
N GLU A 223 -13.49 -15.01 14.65
CA GLU A 223 -14.20 -15.87 15.59
C GLU A 223 -15.04 -15.05 16.56
N GLU A 224 -14.60 -13.85 16.91
CA GLU A 224 -15.36 -12.97 17.76
C GLU A 224 -16.41 -12.16 17.01
N GLY A 225 -16.62 -12.42 15.72
CA GLY A 225 -17.63 -11.71 14.96
C GLY A 225 -17.21 -10.37 14.38
N VAL A 226 -15.93 -10.02 14.46
CA VAL A 226 -15.48 -8.75 13.85
C VAL A 226 -15.52 -8.89 12.33
N PRO A 227 -16.11 -7.95 11.60
CA PRO A 227 -16.23 -8.10 10.14
C PRO A 227 -14.93 -7.77 9.42
N ILE A 228 -14.23 -8.81 8.96
CA ILE A 228 -12.99 -8.66 8.20
C ILE A 228 -13.12 -9.52 6.95
N ASP A 229 -13.06 -8.90 5.77
CA ASP A 229 -13.24 -9.60 4.51
C ASP A 229 -11.94 -10.03 3.85
N GLY A 230 -10.83 -9.36 4.13
CA GLY A 230 -9.63 -9.74 3.42
C GLY A 230 -8.37 -9.16 4.04
N ILE A 231 -7.24 -9.52 3.44
CA ILE A 231 -5.91 -9.05 3.83
C ILE A 231 -5.34 -8.25 2.65
N GLY A 232 -4.80 -7.07 2.94
CA GLY A 232 -4.06 -6.32 1.96
C GLY A 232 -2.58 -6.55 2.15
N HIS A 233 -1.93 -7.10 1.11
CA HIS A 233 -0.49 -7.35 1.13
C HIS A 233 0.20 -6.18 0.44
N GLN A 234 0.85 -5.32 1.21
CA GLN A 234 1.48 -4.15 0.61
C GLN A 234 2.46 -4.56 -0.48
N SER A 235 3.18 -5.66 -0.27
CA SER A 235 4.10 -6.20 -1.28
C SER A 235 5.17 -5.19 -1.71
N HIS A 236 5.82 -4.56 -0.75
CA HIS A 236 6.99 -3.75 -1.04
C HIS A 236 8.19 -4.69 -1.03
N ILE A 237 8.52 -5.23 -2.19
CA ILE A 237 9.43 -6.37 -2.27
C ILE A 237 10.67 -6.03 -3.09
N GLN A 238 11.58 -6.99 -3.18
CA GLN A 238 12.85 -6.85 -3.86
C GLN A 238 12.90 -7.84 -5.00
N ILE A 239 14.00 -7.84 -5.75
CA ILE A 239 14.13 -8.75 -6.88
C ILE A 239 14.21 -10.20 -6.41
N GLY A 240 14.87 -10.45 -5.27
CA GLY A 240 15.06 -11.81 -4.83
C GLY A 240 14.54 -12.12 -3.44
N TRP A 241 13.70 -11.24 -2.90
CA TRP A 241 13.13 -11.43 -1.57
C TRP A 241 11.82 -10.66 -1.55
N PRO A 242 10.76 -11.21 -0.94
CA PRO A 242 10.71 -12.59 -0.45
C PRO A 242 10.52 -13.58 -1.60
N SER A 243 10.81 -14.85 -1.35
CA SER A 243 10.72 -15.84 -2.41
C SER A 243 9.27 -16.00 -2.87
N GLU A 244 9.12 -16.45 -4.11
CA GLU A 244 7.77 -16.76 -4.60
C GLU A 244 7.13 -17.87 -3.81
N ALA A 245 7.93 -18.87 -3.38
CA ALA A 245 7.38 -19.93 -2.54
C ALA A 245 6.77 -19.38 -1.27
N GLU A 246 7.44 -18.40 -0.64
CA GLU A 246 6.90 -17.83 0.59
C GLU A 246 5.71 -16.92 0.31
N ILE A 247 5.70 -16.21 -0.82
CA ILE A 247 4.52 -15.44 -1.20
C ILE A 247 3.33 -16.37 -1.37
N GLU A 248 3.52 -17.47 -2.10
CA GLU A 248 2.44 -18.43 -2.32
C GLU A 248 1.93 -18.99 -1.00
N LYS A 249 2.84 -19.37 -0.10
CA LYS A 249 2.43 -19.89 1.20
C LYS A 249 1.60 -18.86 1.96
N THR A 250 1.99 -17.59 1.90
CA THR A 250 1.24 -16.53 2.57
C THR A 250 -0.17 -16.41 2.01
N ILE A 251 -0.30 -16.28 0.69
CA ILE A 251 -1.62 -16.09 0.09
C ILE A 251 -2.53 -17.26 0.42
N ASN A 252 -2.01 -18.49 0.34
CA ASN A 252 -2.83 -19.66 0.62
C ASN A 252 -3.29 -19.68 2.07
N MET A 253 -2.39 -19.32 2.98
CA MET A 253 -2.70 -19.34 4.40
C MET A 253 -3.90 -18.46 4.72
N PHE A 254 -3.91 -17.23 4.20
CA PHE A 254 -5.04 -16.35 4.48
C PHE A 254 -6.28 -16.75 3.70
N ALA A 255 -6.11 -17.24 2.47
CA ALA A 255 -7.29 -17.73 1.74
C ALA A 255 -7.95 -18.87 2.47
N ALA A 256 -7.18 -19.65 3.23
CA ALA A 256 -7.74 -20.78 3.98
C ALA A 256 -8.69 -20.32 5.07
N LEU A 257 -8.54 -19.09 5.56
CA LEU A 257 -9.45 -18.53 6.55
C LEU A 257 -10.71 -17.96 5.94
N GLY A 258 -10.90 -18.09 4.63
CA GLY A 258 -12.00 -17.43 3.96
C GLY A 258 -11.78 -15.97 3.65
N LEU A 259 -10.54 -15.52 3.60
CA LEU A 259 -10.25 -14.11 3.35
C LEU A 259 -9.89 -13.88 1.89
N ASP A 260 -10.38 -12.76 1.33
CA ASP A 260 -9.83 -12.26 0.07
C ASP A 260 -8.39 -11.79 0.31
N ASN A 261 -7.59 -11.81 -0.75
CA ASN A 261 -6.26 -11.22 -0.74
C ASN A 261 -6.19 -10.13 -1.80
N GLN A 262 -5.63 -8.99 -1.44
CA GLN A 262 -5.32 -7.96 -2.42
C GLN A 262 -3.86 -7.59 -2.27
N ILE A 263 -3.19 -7.45 -3.41
CA ILE A 263 -1.84 -6.89 -3.49
C ILE A 263 -2.02 -5.39 -3.59
N THR A 264 -1.65 -4.64 -2.54
CA THR A 264 -2.13 -3.26 -2.43
C THR A 264 -1.09 -2.17 -2.68
N GLY A 265 0.20 -2.48 -2.65
CA GLY A 265 1.20 -1.45 -2.87
C GLY A 265 2.43 -1.96 -3.58
N LEU A 266 2.21 -2.81 -4.59
CA LEU A 266 3.32 -3.53 -5.20
C LEU A 266 4.35 -2.57 -5.80
N ASP A 267 5.62 -2.79 -5.44
CA ASP A 267 6.75 -2.25 -6.18
C ASP A 267 7.90 -3.24 -6.02
N VAL A 268 8.70 -3.36 -7.07
CA VAL A 268 9.85 -4.27 -7.06
C VAL A 268 11.10 -3.41 -7.09
N SER A 269 11.65 -3.12 -5.92
CA SER A 269 12.83 -2.29 -5.82
C SER A 269 14.01 -2.91 -6.55
N MET A 270 14.87 -2.05 -7.10
CA MET A 270 16.14 -2.50 -7.66
C MET A 270 17.15 -2.87 -6.59
N TYR A 271 16.88 -2.56 -5.33
CA TYR A 271 17.87 -2.61 -4.28
C TYR A 271 17.47 -3.58 -3.18
N GLY A 272 18.38 -3.75 -2.24
CA GLY A 272 18.17 -4.55 -1.05
C GLY A 272 17.73 -3.69 0.11
N TRP A 273 18.17 -4.06 1.32
CA TRP A 273 17.74 -3.35 2.51
C TRP A 273 18.82 -3.42 3.59
N PRO A 274 19.32 -2.29 4.09
CA PRO A 274 19.01 -0.93 3.63
C PRO A 274 19.52 -0.70 2.21
N PRO A 275 18.77 0.05 1.40
CA PRO A 275 19.12 0.16 -0.02
C PRO A 275 20.39 0.97 -0.23
N ARG A 276 21.22 0.52 -1.16
CA ARG A 276 22.33 1.32 -1.66
C ARG A 276 21.99 1.64 -3.11
N ALA A 277 21.46 2.83 -3.34
CA ALA A 277 20.86 3.19 -4.61
C ALA A 277 21.86 3.83 -5.55
N TYR A 278 21.59 3.71 -6.85
CA TYR A 278 22.26 4.57 -7.83
C TYR A 278 21.74 5.99 -7.70
N PRO A 279 22.56 7.00 -8.04
CA PRO A 279 22.14 8.39 -7.83
C PRO A 279 21.12 8.87 -8.85
N THR A 280 21.06 8.27 -10.03
CA THR A 280 20.14 8.67 -11.09
C THR A 280 19.58 7.42 -11.74
N TYR A 281 18.47 7.61 -12.46
CA TYR A 281 17.91 6.52 -13.26
C TYR A 281 18.89 6.06 -14.34
N ASP A 282 19.59 7.01 -14.95
CA ASP A 282 20.50 6.68 -16.05
C ASP A 282 21.63 5.76 -15.61
N ALA A 283 22.01 5.83 -14.33
CA ALA A 283 23.14 5.06 -13.83
C ALA A 283 22.78 3.62 -13.49
N ILE A 284 21.50 3.26 -13.46
CA ILE A 284 21.13 1.87 -13.18
C ILE A 284 21.48 0.99 -14.38
N PRO A 285 22.31 -0.05 -14.21
CA PRO A 285 22.73 -0.86 -15.36
C PRO A 285 21.59 -1.61 -16.00
N LYS A 286 21.71 -1.84 -17.31
CA LYS A 286 20.67 -2.54 -18.07
C LYS A 286 20.34 -3.90 -17.45
N GLN A 287 21.35 -4.58 -16.90
CA GLN A 287 21.11 -5.92 -16.38
C GLN A 287 20.10 -5.92 -15.22
N LYS A 288 20.06 -4.84 -14.42
CA LYS A 288 19.10 -4.77 -13.33
C LYS A 288 17.67 -4.85 -13.86
N PHE A 289 17.42 -4.24 -15.02
CA PHE A 289 16.07 -4.27 -15.59
C PHE A 289 15.73 -5.66 -16.08
N LEU A 290 16.73 -6.42 -16.53
CA LEU A 290 16.47 -7.80 -16.94
C LEU A 290 16.19 -8.68 -15.72
N ASP A 291 16.97 -8.49 -14.63
CA ASP A 291 16.70 -9.23 -13.40
C ASP A 291 15.31 -8.92 -12.88
N GLN A 292 14.93 -7.64 -12.92
CA GLN A 292 13.60 -7.24 -12.47
C GLN A 292 12.51 -7.86 -13.34
N ALA A 293 12.74 -7.91 -14.66
CA ALA A 293 11.73 -8.47 -15.54
C ALA A 293 11.51 -9.95 -15.24
N ALA A 294 12.58 -10.69 -14.96
CA ALA A 294 12.42 -12.10 -14.64
C ALA A 294 11.66 -12.28 -13.34
N ARG A 295 11.92 -11.43 -12.35
CA ARG A 295 11.16 -11.45 -11.11
C ARG A 295 9.69 -11.16 -11.36
N TYR A 296 9.41 -10.10 -12.12
CA TYR A 296 8.02 -9.80 -12.44
C TYR A 296 7.36 -10.96 -13.20
N ASP A 297 8.09 -11.59 -14.12
CA ASP A 297 7.59 -12.76 -14.81
C ASP A 297 7.12 -13.83 -13.82
N ARG A 298 8.00 -14.23 -12.89
CA ARG A 298 7.64 -15.26 -11.92
C ARG A 298 6.51 -14.80 -11.01
N LEU A 299 6.54 -13.51 -10.62
CA LEU A 299 5.58 -13.02 -9.66
C LEU A 299 4.16 -13.05 -10.22
N PHE A 300 3.99 -12.54 -11.45
CA PHE A 300 2.65 -12.50 -12.03
C PHE A 300 2.19 -13.88 -12.52
N LYS A 301 3.11 -14.78 -12.85
CA LYS A 301 2.70 -16.16 -13.06
C LYS A 301 2.10 -16.73 -11.79
N LEU A 302 2.68 -16.41 -10.63
CA LEU A 302 2.15 -16.91 -9.37
C LEU A 302 0.82 -16.26 -9.04
N TYR A 303 0.70 -14.95 -9.24
CA TYR A 303 -0.59 -14.28 -9.02
C TYR A 303 -1.67 -14.94 -9.86
N GLU A 304 -1.37 -15.24 -11.12
CA GLU A 304 -2.35 -15.90 -11.97
C GLU A 304 -2.69 -17.30 -11.46
N LYS A 305 -1.66 -18.06 -11.04
CA LYS A 305 -1.91 -19.37 -10.44
C LYS A 305 -2.90 -19.25 -9.28
N LEU A 306 -2.77 -18.17 -8.49
CA LEU A 306 -3.60 -17.93 -7.32
C LEU A 306 -4.75 -16.96 -7.59
N SER A 307 -5.19 -16.82 -8.85
CA SER A 307 -6.15 -15.78 -9.18
C SER A 307 -7.50 -16.00 -8.51
N ASP A 308 -7.82 -17.23 -8.14
CA ASP A 308 -9.09 -17.44 -7.45
C ASP A 308 -9.02 -16.96 -6.00
N LYS A 309 -7.84 -16.55 -5.54
CA LYS A 309 -7.66 -16.06 -4.19
C LYS A 309 -7.27 -14.58 -4.14
N ILE A 310 -7.10 -13.93 -5.29
CA ILE A 310 -6.62 -12.55 -5.37
C ILE A 310 -7.61 -11.78 -6.23
N SER A 311 -8.19 -10.71 -5.69
CA SER A 311 -9.15 -9.92 -6.46
C SER A 311 -8.53 -8.69 -7.11
N ASN A 312 -7.34 -8.28 -6.70
CA ASN A 312 -6.78 -7.02 -7.15
C ASN A 312 -5.27 -7.03 -6.96
N VAL A 313 -4.54 -6.49 -7.93
CA VAL A 313 -3.12 -6.20 -7.79
C VAL A 313 -2.94 -4.72 -8.08
N THR A 314 -2.49 -3.97 -7.09
CA THR A 314 -2.32 -2.52 -7.19
C THR A 314 -0.84 -2.17 -7.04
N PHE A 315 -0.30 -1.42 -8.00
CA PHE A 315 1.05 -0.90 -7.91
C PHE A 315 1.05 0.41 -7.13
N TRP A 316 2.10 0.65 -6.33
CA TRP A 316 2.15 1.89 -5.55
C TRP A 316 2.74 3.03 -6.37
N GLY A 317 2.13 3.25 -7.52
CA GLY A 317 2.50 4.35 -8.40
C GLY A 317 2.12 4.00 -9.83
N ILE A 318 2.43 4.92 -10.74
CA ILE A 318 2.07 4.75 -12.14
C ILE A 318 3.29 4.40 -12.98
N ALA A 319 4.30 5.27 -12.99
CA ALA A 319 5.51 5.03 -13.76
C ALA A 319 6.72 5.46 -12.95
N ASP A 320 7.91 5.04 -13.40
CA ASP A 320 9.14 5.17 -12.61
C ASP A 320 9.53 6.61 -12.30
N ASN A 321 8.89 7.61 -12.94
CA ASN A 321 9.26 8.98 -12.61
C ASN A 321 8.74 9.42 -11.25
N HIS A 322 7.83 8.66 -10.64
CA HIS A 322 7.32 9.01 -9.32
C HIS A 322 7.13 7.73 -8.51
N THR A 323 7.92 7.58 -7.44
CA THR A 323 7.76 6.44 -6.53
C THR A 323 8.28 6.85 -5.16
N TRP A 324 7.51 6.51 -4.11
CA TRP A 324 7.96 6.78 -2.75
C TRP A 324 9.26 6.06 -2.43
N LEU A 325 9.65 5.06 -3.23
CA LEU A 325 10.91 4.37 -2.98
C LEU A 325 12.11 5.28 -3.13
N ASP A 326 11.98 6.38 -3.87
CA ASP A 326 13.08 7.32 -3.98
C ASP A 326 13.45 7.93 -2.64
N SER A 327 12.46 8.07 -1.73
CA SER A 327 12.73 8.56 -0.39
C SER A 327 13.60 7.61 0.41
N ARG A 328 13.66 6.32 0.02
CA ARG A 328 14.52 5.33 0.64
C ARG A 328 15.82 5.11 -0.13
N ALA A 329 16.00 5.78 -1.28
CA ALA A 329 17.10 5.49 -2.19
C ALA A 329 18.37 6.22 -1.72
N ASP A 330 18.97 5.69 -0.65
CA ASP A 330 20.17 6.29 -0.08
C ASP A 330 21.37 6.01 -0.97
N VAL A 331 22.18 7.02 -1.24
CA VAL A 331 23.35 6.88 -2.11
C VAL A 331 24.60 6.91 -1.24
N TYR A 332 25.38 5.84 -1.31
CA TYR A 332 26.61 5.69 -0.55
C TYR A 332 27.80 6.07 -1.42
N TYR A 333 28.72 6.84 -0.86
CA TYR A 333 29.91 7.32 -1.56
C TYR A 333 31.16 6.91 -0.82
N ASP A 334 32.17 6.42 -1.55
CA ASP A 334 33.44 6.11 -0.93
C ASP A 334 34.26 7.38 -0.74
N ALA A 335 35.49 7.22 -0.27
CA ALA A 335 36.33 8.37 0.05
C ALA A 335 36.74 9.16 -1.18
N ASN A 336 36.74 8.53 -2.36
CA ASN A 336 37.04 9.21 -3.61
C ASN A 336 35.81 9.81 -4.29
N GLY A 337 34.65 9.75 -3.63
CA GLY A 337 33.43 10.27 -4.19
C GLY A 337 32.76 9.40 -5.23
N ASN A 338 33.14 8.13 -5.33
CA ASN A 338 32.49 7.19 -6.23
C ASN A 338 31.32 6.51 -5.54
N VAL A 339 30.28 6.23 -6.31
CA VAL A 339 29.07 5.61 -5.77
C VAL A 339 29.39 4.18 -5.36
N VAL A 340 28.85 3.75 -4.22
CA VAL A 340 29.00 2.39 -3.74
C VAL A 340 27.62 1.75 -3.68
N VAL A 341 27.43 0.65 -4.41
CA VAL A 341 26.17 -0.10 -4.39
C VAL A 341 26.34 -1.50 -3.86
N ASP A 342 27.57 -1.97 -3.66
CA ASP A 342 27.81 -3.28 -3.07
C ASP A 342 27.41 -3.24 -1.60
N PRO A 343 26.50 -4.10 -1.14
CA PRO A 343 25.90 -3.91 0.20
C PRO A 343 26.86 -3.98 1.40
N ASN A 344 28.05 -4.57 1.31
CA ASN A 344 28.94 -4.48 2.47
C ASN A 344 30.31 -3.93 2.11
N ALA A 345 30.42 -3.21 1.00
CA ALA A 345 31.66 -2.59 0.61
C ALA A 345 31.95 -1.35 1.45
N PRO A 346 33.22 -0.96 1.54
CA PRO A 346 33.58 0.28 2.25
C PRO A 346 32.85 1.50 1.69
N TYR A 347 32.60 2.46 2.56
CA TYR A 347 32.09 3.76 2.14
C TYR A 347 32.36 4.79 3.23
N ALA A 348 32.30 6.06 2.85
CA ALA A 348 32.59 7.16 3.77
C ALA A 348 31.36 7.95 4.19
N LYS A 349 30.45 8.25 3.27
CA LYS A 349 29.28 9.07 3.57
C LYS A 349 28.08 8.52 2.81
N VAL A 350 26.90 8.91 3.27
CA VAL A 350 25.65 8.51 2.63
C VAL A 350 24.77 9.73 2.44
N GLU A 351 24.13 9.83 1.27
CA GLU A 351 23.18 10.89 0.97
C GLU A 351 21.79 10.26 0.99
N LYS A 352 21.08 10.45 2.10
CA LYS A 352 19.83 9.76 2.34
C LYS A 352 18.75 10.24 1.38
N GLY A 353 18.06 9.30 0.74
CA GLY A 353 16.91 9.67 -0.07
C GLY A 353 17.20 10.46 -1.32
N LYS A 354 18.46 10.47 -1.78
CA LYS A 354 18.84 11.29 -2.93
C LYS A 354 19.00 10.51 -4.23
N GLY A 355 18.87 9.20 -4.20
CA GLY A 355 19.02 8.38 -5.39
C GLY A 355 17.71 8.10 -6.10
N LYS A 356 17.74 7.06 -6.94
CA LYS A 356 16.62 6.77 -7.84
C LYS A 356 16.38 5.26 -7.89
N ASP A 357 15.18 4.86 -7.56
CA ASP A 357 14.70 3.49 -7.75
C ASP A 357 13.87 3.43 -9.03
N ALA A 358 13.53 2.21 -9.44
CA ALA A 358 12.89 1.96 -10.74
C ALA A 358 11.96 0.77 -10.61
N PRO A 359 10.84 0.91 -9.90
CA PRO A 359 10.11 -0.27 -9.43
C PRO A 359 8.97 -0.78 -10.29
N PHE A 360 8.56 -0.08 -11.35
CA PHE A 360 7.33 -0.41 -12.04
C PHE A 360 7.63 -1.12 -13.37
N VAL A 361 6.58 -1.38 -14.17
CA VAL A 361 6.78 -1.91 -15.52
C VAL A 361 6.80 -0.80 -16.56
N PHE A 362 6.59 0.45 -16.16
CA PHE A 362 6.62 1.60 -17.05
C PHE A 362 7.75 2.54 -16.62
N GLY A 363 8.60 2.93 -17.57
CA GLY A 363 9.74 3.79 -17.29
C GLY A 363 9.36 5.24 -17.03
N PRO A 364 10.35 6.06 -16.63
CA PRO A 364 10.05 7.44 -16.26
C PRO A 364 9.66 8.31 -17.45
N ASP A 365 9.96 7.87 -18.67
CA ASP A 365 9.50 8.51 -19.89
C ASP A 365 8.22 7.89 -20.41
N TYR A 366 7.52 7.10 -19.58
CA TYR A 366 6.25 6.47 -19.94
C TYR A 366 6.41 5.51 -21.12
N LYS A 367 7.59 4.91 -21.27
CA LYS A 367 7.78 3.83 -22.23
C LYS A 367 7.91 2.51 -21.47
N VAL A 368 7.51 1.40 -22.12
CA VAL A 368 7.42 0.14 -21.40
C VAL A 368 8.81 -0.44 -21.14
N LYS A 369 8.97 -1.06 -19.99
CA LYS A 369 10.22 -1.68 -19.57
C LYS A 369 10.23 -3.16 -19.94
N PRO A 370 11.37 -3.83 -19.83
CA PRO A 370 11.35 -5.29 -20.01
C PRO A 370 10.37 -5.98 -19.08
N ALA A 371 10.16 -5.46 -17.86
CA ALA A 371 9.18 -6.05 -16.96
C ALA A 371 7.77 -6.02 -17.53
N TYR A 372 7.43 -4.99 -18.30
CA TYR A 372 6.11 -4.94 -18.93
C TYR A 372 5.90 -6.11 -19.87
N TRP A 373 6.86 -6.33 -20.78
CA TRP A 373 6.72 -7.45 -21.71
C TRP A 373 6.66 -8.77 -20.97
N ALA A 374 7.37 -8.87 -19.85
CA ALA A 374 7.36 -10.09 -19.06
C ALA A 374 5.99 -10.40 -18.48
N ILE A 375 5.14 -9.42 -18.22
CA ILE A 375 3.85 -9.71 -17.61
C ILE A 375 2.68 -9.49 -18.56
N ILE A 376 2.92 -8.89 -19.73
CA ILE A 376 1.83 -8.78 -20.69
C ILE A 376 1.67 -10.05 -21.52
N ASP A 377 2.71 -10.88 -21.61
CA ASP A 377 2.67 -12.08 -22.46
C ASP A 377 1.96 -13.22 -21.73
N HIS A 378 1.94 -14.40 -22.35
CA HIS A 378 1.26 -15.56 -21.77
C HIS A 378 2.21 -16.72 -21.58
N LYS A 379 3.45 -16.42 -21.24
CA LYS A 379 4.41 -17.49 -21.00
C LYS A 379 5.13 -17.18 -19.72
C1 A1ID6 B . 17.79 -11.16 1.07
C2 A1ID6 B . 17.74 -9.66 0.79
C3 A1ID6 B . 17.55 -8.83 2.05
C4 A1ID6 B . 16.39 -9.37 2.88
C5 A1ID6 B . 16.63 -10.85 3.16
O2 A1ID6 B . 18.95 -9.25 0.12
O3 A1ID6 B . 17.30 -7.48 1.68
O4 A1ID6 B . 16.31 -8.69 4.13
O5 A1ID6 B . 16.71 -11.55 1.92
F1 A1ID6 B . 18.98 -11.51 1.66
C1 XYP B . 15.02 -8.14 4.39
C2 XYP B . 14.78 -8.01 5.89
C3 XYP B . 13.43 -7.37 6.14
C4 XYP B . 13.35 -6.03 5.41
C5 XYP B . 13.65 -6.28 3.94
O2 XYP B . 14.80 -9.32 6.46
O3 XYP B . 13.19 -7.19 7.54
O4 XYP B . 12.02 -5.51 5.59
O5 XYP B . 14.93 -6.86 3.77
C1 XYP B . 11.88 -4.09 5.48
C2 XYP B . 11.18 -3.82 4.15
C3 XYP B . 10.69 -2.39 4.04
C4 XYP B . 9.80 -2.03 5.22
C5 XYP B . 10.60 -2.28 6.50
O2 XYP B . 12.07 -4.04 3.06
O3 XYP B . 9.98 -2.33 2.80
O4 XYP B . 9.40 -0.66 5.12
O5 XYP B . 11.04 -3.66 6.55
C1 XYP B . 8.01 -0.37 5.30
C2 XYP B . 7.93 0.99 5.97
C3 XYP B . 6.49 1.50 6.09
C4 XYP B . 5.84 1.53 4.70
C5 XYP B . 5.89 0.11 4.18
O2 XYP B . 8.58 0.89 7.25
O3 XYP B . 6.51 2.79 6.70
O4 XYP B . 4.52 2.14 4.72
O5 XYP B . 7.27 -0.33 4.06
C1 XYP B . 3.59 1.89 3.62
C2 XYP B . 2.25 2.66 3.78
C3 XYP B . 2.00 3.66 2.66
C4 XYP B . 3.26 4.44 2.37
C5 XYP B . 4.36 3.50 1.90
O2 XYP B . 1.07 1.83 3.80
O3 XYP B . 0.96 4.57 3.07
O4 XYP B . 2.98 5.46 1.41
O5 XYP B . 4.12 2.15 2.32
C1 XYP B . 3.90 6.54 1.50
C2 XYP B . 3.61 7.54 0.39
C3 XYP B . 4.57 8.71 0.51
C4 XYP B . 4.48 9.31 1.91
C5 XYP B . 4.71 8.23 2.97
O2 XYP B . 3.80 6.93 -0.89
O3 XYP B . 4.28 9.68 -0.52
O4 XYP B . 5.48 10.31 2.06
O5 XYP B . 3.75 7.17 2.78
ZN ZN C . 4.15 9.95 -4.18
ZN ZN D . -9.42 -0.48 -18.88
ZN ZN E . 13.24 5.32 -22.03
ZN ZN F . 5.28 -13.84 -18.39
ZN ZN G . -3.83 0.84 2.12
ZN ZN H . 18.92 11.54 -15.89
CL CL I . 5.90 9.51 -3.10
CL CL J . 14.07 5.01 -19.98
#